data_8PFO
#
_entry.id   8PFO
#
_cell.length_a   40.179
_cell.length_b   87.418
_cell.length_c   133.776
_cell.angle_alpha   90
_cell.angle_beta   90
_cell.angle_gamma   90
#
_symmetry.space_group_name_H-M   'P 21 21 21'
#
loop_
_entity.id
_entity.type
_entity.pdbx_description
1 polymer "Bifunctional 3'-5' exonuclease/ATP-dependent helicase WRN"
2 non-polymer 'ZINC ION'
3 non-polymer ~{N}-[2-chloranyl-4-(trifluoromethyl)phenyl]-2-[2-(3,6-dihydro-2~{H}-pyran-4-yl)-5-ethyl-6-[4-(6-methyl-5-oxidanyl-pyrimidin-4-yl)carbonylpiperazin-1-yl]-7-oxidanylidene-[1,2,4]triazolo[1,5-a]pyrimidin-4-yl]ethanamide
4 water water
#
_entity_poly.entity_id   1
_entity_poly.type   'polypeptide(L)'
_entity_poly.pdbx_seq_one_letter_code
;GPNEGEEDDDKDFLWPAPNEEQVTCLKMYFGHSSFKPVQWKVIHSVLEEARDNVAVMATGYGKSLCFQYPPVYVGKIGLV
ISPLISLMEDQVLQLKMSNIPACFLGSAQSANVLTDIKLGKYRIVYVTPEYCSGNMGLLQQLEADIGITLIAVDEAHCIS
EWGHDFRDSFRKLGSLKTALPMVPIVALTATASSSIREDIVRCLNLRNPQITCTGFDRPNLYLEVRRKTGNILQDLQPFL
VKTSSHWEFEGPTIIYCPSRKMTQQVTGELAKLNLSCGTYHAGMSFSTAKDIHHRFVRDEIQCVIATIAFGMGINKADIR
QVIHYGAPKDMESYYQEIGRAGRDGLQSSCHVLWAPADINLNRHLLTEIRNAKFRLYKLKMMAKMEKYLHSSRCRRQIIL
SHFEDKQVQKASLGIMGTEKCCDNCRSALDH
;
_entity_poly.pdbx_strand_id   A
#
# COMPACT_ATOMS: atom_id res chain seq x y z
N ASP A 9 1.27 5.43 19.02
CA ASP A 9 1.03 4.27 18.17
C ASP A 9 1.45 4.60 16.74
N ASP A 10 1.01 5.75 16.21
CA ASP A 10 1.37 6.16 14.86
C ASP A 10 2.89 6.30 14.70
N LYS A 11 3.58 6.90 15.70
CA LYS A 11 5.04 7.10 15.66
C LYS A 11 5.79 5.76 15.54
N ASP A 12 5.25 4.70 16.14
CA ASP A 12 5.87 3.38 16.07
C ASP A 12 5.93 2.86 14.64
N PHE A 13 4.96 3.22 13.79
CA PHE A 13 4.91 2.75 12.40
C PHE A 13 5.86 3.44 11.44
N LEU A 14 6.42 4.58 11.85
CA LEU A 14 7.29 5.34 10.96
C LEU A 14 8.65 4.73 10.78
N TRP A 15 8.92 4.15 9.59
CA TRP A 15 10.24 3.60 9.31
C TRP A 15 10.82 4.13 7.99
N PRO A 16 12.01 4.76 8.02
CA PRO A 16 12.76 5.18 9.21
C PRO A 16 12.08 6.39 9.86
N ALA A 17 12.56 6.79 11.04
CA ALA A 17 11.96 7.92 11.76
C ALA A 17 12.28 9.23 11.06
N PRO A 18 11.29 10.13 10.92
CA PRO A 18 11.60 11.47 10.37
C PRO A 18 12.61 12.21 11.24
N ASN A 19 13.48 13.04 10.64
CA ASN A 19 14.48 13.80 11.40
C ASN A 19 13.89 15.17 11.87
N GLU A 20 14.62 15.93 12.71
CA GLU A 20 14.11 17.21 13.22
C GLU A 20 13.83 18.25 12.14
N GLU A 21 14.67 18.33 11.13
CA GLU A 21 14.49 19.29 10.04
C GLU A 21 13.21 18.98 9.27
N GLN A 22 12.92 17.70 9.05
CA GLN A 22 11.71 17.28 8.36
C GLN A 22 10.47 17.66 9.18
N VAL A 23 10.53 17.42 10.51
CA VAL A 23 9.43 17.75 11.42
C VAL A 23 9.19 19.29 11.52
N THR A 24 10.27 20.09 11.57
CA THR A 24 10.19 21.55 11.64
C THR A 24 9.50 22.13 10.40
N CYS A 25 9.85 21.60 9.24
CA CYS A 25 9.25 22.03 7.98
C CYS A 25 7.74 21.70 7.98
N LEU A 26 7.38 20.51 8.47
CA LEU A 26 5.98 20.10 8.55
C LEU A 26 5.16 21.07 9.42
N LYS A 27 5.66 21.44 10.60
CA LYS A 27 4.95 22.36 11.49
C LYS A 27 4.84 23.78 10.93
N MET A 28 5.94 24.27 10.33
CA MET A 28 6.04 25.63 9.81
C MET A 28 5.16 25.89 8.61
N TYR A 29 5.11 24.94 7.66
CA TYR A 29 4.35 25.14 6.44
C TYR A 29 3.05 24.36 6.33
N PHE A 30 2.87 23.30 7.13
CA PHE A 30 1.65 22.49 7.00
C PHE A 30 0.82 22.42 8.30
N GLY A 31 1.28 23.06 9.37
CA GLY A 31 0.57 23.12 10.64
C GLY A 31 0.34 21.80 11.34
N HIS A 32 1.21 20.81 11.11
CA HIS A 32 1.09 19.49 11.73
C HIS A 32 2.35 19.12 12.46
N SER A 33 2.24 18.43 13.60
CA SER A 33 3.41 18.05 14.39
C SER A 33 3.96 16.66 14.01
N SER A 34 3.14 15.82 13.37
CA SER A 34 3.58 14.49 13.00
C SER A 34 3.02 14.02 11.69
N PHE A 35 3.75 13.12 11.02
CA PHE A 35 3.31 12.57 9.76
C PHE A 35 2.41 11.36 10.05
N LYS A 36 1.40 11.14 9.23
CA LYS A 36 0.60 9.93 9.29
C LYS A 36 1.45 8.86 8.56
N PRO A 37 1.34 7.60 9.00
CA PRO A 37 2.16 6.55 8.40
C PRO A 37 2.10 6.44 6.87
N VAL A 38 0.90 6.46 6.24
CA VAL A 38 0.83 6.40 4.77
C VAL A 38 1.46 7.64 4.14
N GLN A 39 1.27 8.82 4.74
CA GLN A 39 1.90 10.05 4.21
C GLN A 39 3.43 9.90 4.24
N TRP A 40 3.96 9.40 5.35
CA TRP A 40 5.40 9.21 5.50
C TRP A 40 5.95 8.21 4.52
N LYS A 41 5.20 7.14 4.23
CA LYS A 41 5.62 6.13 3.26
C LYS A 41 5.84 6.72 1.89
N VAL A 42 4.91 7.55 1.41
CA VAL A 42 5.01 8.18 0.08
C VAL A 42 6.12 9.23 0.09
N ILE A 43 6.12 10.11 1.09
CA ILE A 43 7.11 11.18 1.20
C ILE A 43 8.55 10.64 1.29
N HIS A 44 8.80 9.66 2.18
CA HIS A 44 10.12 9.08 2.35
C HIS A 44 10.59 8.42 1.08
N SER A 45 9.71 7.68 0.40
CA SER A 45 10.12 7.00 -0.84
C SER A 45 10.45 8.02 -1.95
N VAL A 46 9.75 9.16 -1.98
CA VAL A 46 10.05 10.21 -2.98
C VAL A 46 11.37 10.88 -2.64
N LEU A 47 11.54 11.37 -1.41
CA LEU A 47 12.76 12.09 -1.00
C LEU A 47 14.04 11.25 -1.05
N GLU A 48 13.97 10.03 -0.50
CA GLU A 48 15.16 9.20 -0.38
C GLU A 48 15.36 8.23 -1.50
N GLU A 49 14.33 7.88 -2.26
CA GLU A 49 14.49 6.90 -3.32
C GLU A 49 14.07 7.35 -4.68
N ALA A 50 13.41 8.54 -4.81
CA ALA A 50 12.84 9.06 -6.07
C ALA A 50 11.98 7.95 -6.73
N ARG A 51 11.19 7.30 -5.90
CA ARG A 51 10.40 6.16 -6.31
C ARG A 51 9.04 6.58 -6.80
N ASP A 52 8.59 5.99 -7.90
CA ASP A 52 7.24 6.23 -8.40
C ASP A 52 6.25 5.63 -7.38
N ASN A 53 5.11 6.27 -7.25
CA ASN A 53 4.08 5.80 -6.34
C ASN A 53 2.72 5.77 -6.99
N VAL A 54 1.89 4.84 -6.51
CA VAL A 54 0.48 4.85 -6.79
C VAL A 54 -0.18 4.99 -5.42
N ALA A 55 -0.72 6.17 -5.11
CA ALA A 55 -1.40 6.43 -3.84
C ALA A 55 -2.91 6.39 -4.02
N VAL A 56 -3.52 5.31 -3.56
CA VAL A 56 -4.95 5.18 -3.57
C VAL A 56 -5.47 5.64 -2.20
N MET A 57 -6.21 6.73 -2.16
CA MET A 57 -6.78 7.24 -0.90
C MET A 57 -8.25 7.47 -1.16
N ALA A 58 -9.12 6.92 -0.30
CA ALA A 58 -10.56 7.02 -0.52
C ALA A 58 -11.14 8.43 -0.47
N THR A 59 -10.53 9.37 0.27
CA THR A 59 -11.07 10.73 0.36
C THR A 59 -10.03 11.80 0.00
N GLY A 62 -5.63 13.01 4.15
CA GLY A 62 -4.59 14.00 3.83
C GLY A 62 -3.80 13.61 2.60
N LYS A 63 -4.45 13.71 1.44
CA LYS A 63 -3.90 13.37 0.13
C LYS A 63 -2.85 14.35 -0.36
N SER A 64 -3.15 15.65 -0.29
N SER A 64 -3.15 15.64 -0.28
CA SER A 64 -2.29 16.70 -0.80
CA SER A 64 -2.28 16.69 -0.79
C SER A 64 -0.91 16.76 -0.16
C SER A 64 -0.91 16.76 -0.16
N LEU A 65 -0.78 16.45 1.15
CA LEU A 65 0.54 16.48 1.80
C LEU A 65 1.59 15.62 1.14
N CYS A 66 1.18 14.43 0.64
N CYS A 66 1.22 14.42 0.70
CA CYS A 66 2.07 13.45 -0.01
CA CYS A 66 2.19 13.48 0.13
C CYS A 66 2.86 14.05 -1.14
C CYS A 66 2.85 13.99 -1.16
N PHE A 67 2.22 14.92 -1.92
CA PHE A 67 2.88 15.50 -3.09
C PHE A 67 3.32 16.96 -2.85
N GLN A 68 2.74 17.65 -1.84
CA GLN A 68 3.10 19.05 -1.58
C GLN A 68 4.31 19.17 -0.68
N TYR A 69 4.43 18.25 0.29
CA TYR A 69 5.52 18.32 1.26
C TYR A 69 6.92 18.12 0.63
N PRO A 70 7.21 17.08 -0.20
CA PRO A 70 8.60 16.92 -0.69
C PRO A 70 9.20 18.15 -1.41
N PRO A 71 8.55 18.83 -2.39
CA PRO A 71 9.22 20.00 -3.00
C PRO A 71 9.40 21.18 -2.05
N VAL A 72 8.49 21.34 -1.09
CA VAL A 72 8.58 22.38 -0.08
C VAL A 72 9.79 22.10 0.83
N TYR A 73 9.99 20.83 1.23
CA TYR A 73 11.12 20.44 2.08
C TYR A 73 12.47 20.67 1.45
N VAL A 74 12.64 20.28 0.18
CA VAL A 74 13.93 20.44 -0.48
C VAL A 74 14.09 21.82 -1.21
N GLY A 75 13.06 22.68 -1.14
CA GLY A 75 13.10 24.01 -1.74
C GLY A 75 13.13 24.02 -3.25
N LYS A 76 12.56 22.99 -3.89
CA LYS A 76 12.62 22.87 -5.35
C LYS A 76 11.22 23.03 -5.98
N ILE A 77 10.79 22.17 -6.93
CA ILE A 77 9.50 22.31 -7.61
C ILE A 77 8.81 20.96 -7.68
N GLY A 78 7.52 20.97 -7.41
CA GLY A 78 6.67 19.80 -7.57
C GLY A 78 5.61 20.19 -8.56
N LEU A 79 5.45 19.40 -9.61
CA LEU A 79 4.45 19.68 -10.62
C LEU A 79 3.21 18.85 -10.31
N VAL A 80 2.02 19.46 -10.35
CA VAL A 80 0.76 18.75 -10.13
C VAL A 80 -0.12 18.82 -11.39
N ILE A 81 -0.43 17.66 -11.95
CA ILE A 81 -1.24 17.54 -13.15
C ILE A 81 -2.63 17.08 -12.78
N SER A 82 -3.63 17.86 -13.18
CA SER A 82 -5.02 17.55 -12.83
C SER A 82 -5.98 18.23 -13.77
N PRO A 83 -7.13 17.59 -14.04
CA PRO A 83 -8.15 18.26 -14.86
C PRO A 83 -9.17 19.04 -14.02
N LEU A 84 -9.09 19.02 -12.67
CA LEU A 84 -10.05 19.67 -11.77
C LEU A 84 -9.62 21.10 -11.48
N ILE A 85 -9.80 21.99 -12.46
CA ILE A 85 -9.35 23.37 -12.44
C ILE A 85 -9.73 24.13 -11.17
N SER A 86 -11.00 24.10 -10.75
CA SER A 86 -11.41 24.83 -9.54
C SER A 86 -10.69 24.32 -8.28
N LEU A 87 -10.51 23.01 -8.17
CA LEU A 87 -9.83 22.43 -7.00
C LEU A 87 -8.35 22.79 -7.01
N MET A 88 -7.73 22.88 -8.20
CA MET A 88 -6.33 23.29 -8.30
C MET A 88 -6.19 24.73 -7.82
N GLU A 89 -7.10 25.61 -8.27
CA GLU A 89 -7.09 27.01 -7.83
C GLU A 89 -7.26 27.12 -6.30
N ASP A 90 -8.13 26.29 -5.71
CA ASP A 90 -8.28 26.26 -4.24
C ASP A 90 -7.03 25.77 -3.52
N GLN A 91 -6.35 24.73 -4.06
CA GLN A 91 -5.14 24.23 -3.44
C GLN A 91 -4.03 25.29 -3.55
N VAL A 92 -3.94 26.00 -4.70
CA VAL A 92 -2.96 27.08 -4.89
C VAL A 92 -3.20 28.15 -3.82
N LEU A 93 -4.46 28.51 -3.62
CA LEU A 93 -4.82 29.52 -2.62
C LEU A 93 -4.47 29.06 -1.19
N GLN A 94 -4.75 27.78 -0.84
CA GLN A 94 -4.44 27.25 0.49
C GLN A 94 -2.94 27.26 0.75
N LEU A 95 -2.14 26.88 -0.27
CA LEU A 95 -0.68 26.91 -0.20
C LEU A 95 -0.17 28.33 0.05
N LYS A 96 -0.67 29.32 -0.70
CA LYS A 96 -0.28 30.73 -0.50
C LYS A 96 -0.60 31.20 0.91
N MET A 97 -1.79 30.81 1.46
CA MET A 97 -2.17 31.19 2.84
C MET A 97 -1.22 30.60 3.88
N SER A 98 -0.53 29.50 3.57
CA SER A 98 0.44 28.90 4.49
C SER A 98 1.87 29.38 4.22
N ASN A 99 2.06 30.46 3.43
CA ASN A 99 3.36 31.03 3.05
C ASN A 99 4.17 30.06 2.15
N ILE A 100 3.49 29.34 1.26
CA ILE A 100 4.14 28.45 0.31
C ILE A 100 3.93 29.01 -1.08
N PRO A 101 5.00 29.40 -1.78
CA PRO A 101 4.83 29.93 -3.14
C PRO A 101 4.27 28.87 -4.07
N ALA A 102 3.10 29.16 -4.65
CA ALA A 102 2.42 28.18 -5.51
C ALA A 102 1.64 28.89 -6.59
N CYS A 103 1.41 28.22 -7.74
CA CYS A 103 0.64 28.87 -8.79
C CYS A 103 0.00 27.88 -9.75
N PHE A 104 -1.02 28.34 -10.46
CA PHE A 104 -1.67 27.55 -11.48
C PHE A 104 -1.05 28.09 -12.78
N LEU A 105 -0.35 27.25 -13.55
CA LEU A 105 0.27 27.68 -14.80
C LEU A 105 -0.58 27.19 -15.95
N GLY A 106 -0.98 28.14 -16.81
CA GLY A 106 -1.79 27.87 -17.99
C GLY A 106 -1.55 28.89 -19.08
N SER A 107 -2.27 28.78 -20.22
CA SER A 107 -2.08 29.70 -21.35
C SER A 107 -2.40 31.16 -21.03
N ALA A 108 -3.28 31.43 -20.04
CA ALA A 108 -3.60 32.81 -19.68
C ALA A 108 -2.62 33.43 -18.65
N GLN A 109 -1.61 32.66 -18.17
CA GLN A 109 -0.68 33.19 -17.20
C GLN A 109 0.24 34.27 -17.74
N SER A 110 0.67 35.18 -16.87
CA SER A 110 1.51 36.29 -17.27
C SER A 110 2.95 35.83 -17.54
N ALA A 111 3.68 36.59 -18.37
CA ALA A 111 5.09 36.33 -18.66
C ALA A 111 5.91 36.39 -17.38
N ASN A 112 5.57 37.36 -16.49
CA ASN A 112 6.26 37.56 -15.22
C ASN A 112 6.16 36.31 -14.30
N VAL A 113 5.01 35.60 -14.31
CA VAL A 113 4.82 34.39 -13.50
C VAL A 113 5.67 33.23 -14.03
N LEU A 114 5.64 32.98 -15.35
CA LEU A 114 6.44 31.91 -15.94
C LEU A 114 7.95 32.14 -15.70
N THR A 115 8.40 33.41 -15.71
CA THR A 115 9.78 33.74 -15.42
C THR A 115 10.18 33.31 -14.01
N ASP A 116 9.35 33.60 -13.00
CA ASP A 116 9.64 33.19 -11.63
C ASP A 116 9.55 31.67 -11.47
N ILE A 117 8.68 30.98 -12.26
CA ILE A 117 8.62 29.51 -12.24
C ILE A 117 9.98 28.98 -12.72
N LYS A 118 10.45 29.51 -13.86
CA LYS A 118 11.73 29.17 -14.50
C LYS A 118 12.93 29.41 -13.58
N LEU A 119 12.83 30.42 -12.71
CA LEU A 119 13.83 30.77 -11.72
C LEU A 119 13.78 29.93 -10.43
N GLY A 120 12.77 29.07 -10.29
CA GLY A 120 12.64 28.24 -9.10
C GLY A 120 12.00 28.94 -7.91
N LYS A 121 11.24 30.03 -8.15
CA LYS A 121 10.57 30.74 -7.06
C LYS A 121 9.26 30.06 -6.57
N TYR A 122 8.60 29.22 -7.40
CA TYR A 122 7.38 28.53 -7.00
C TYR A 122 7.69 27.08 -6.57
N ARG A 123 7.18 26.65 -5.42
CA ARG A 123 7.41 25.27 -4.93
C ARG A 123 6.44 24.30 -5.58
N ILE A 124 5.18 24.73 -5.80
CA ILE A 124 4.16 23.85 -6.37
C ILE A 124 3.57 24.53 -7.59
N VAL A 125 3.54 23.83 -8.74
CA VAL A 125 2.96 24.38 -9.97
C VAL A 125 1.90 23.44 -10.49
N TYR A 126 0.65 23.92 -10.57
CA TYR A 126 -0.48 23.13 -11.03
C TYR A 126 -0.69 23.39 -12.52
N VAL A 127 -0.91 22.34 -13.29
CA VAL A 127 -1.17 22.43 -14.73
C VAL A 127 -2.23 21.42 -15.12
N THR A 128 -2.95 21.66 -16.22
CA THR A 128 -3.89 20.65 -16.72
C THR A 128 -3.09 19.60 -17.53
N PRO A 129 -3.65 18.40 -17.81
CA PRO A 129 -2.91 17.44 -18.64
C PRO A 129 -2.65 17.93 -20.07
N GLU A 130 -3.60 18.69 -20.67
CA GLU A 130 -3.44 19.25 -22.03
C GLU A 130 -2.29 20.26 -22.05
N TYR A 131 -2.22 21.15 -21.04
CA TYR A 131 -1.13 22.13 -20.97
C TYR A 131 0.20 21.41 -20.84
N CYS A 132 0.25 20.42 -19.98
CA CYS A 132 1.45 19.63 -19.74
C CYS A 132 1.93 18.92 -21.01
N SER A 133 1.01 18.31 -21.76
CA SER A 133 1.32 17.57 -22.98
C SER A 133 1.94 18.44 -24.08
N GLY A 134 1.46 19.67 -24.19
CA GLY A 134 1.96 20.59 -25.19
C GLY A 134 3.14 21.44 -24.76
N ASN A 135 3.65 21.23 -23.53
CA ASN A 135 4.75 22.01 -23.01
C ASN A 135 5.81 21.14 -22.34
N MET A 136 6.24 20.05 -23.01
CA MET A 136 7.25 19.15 -22.44
C MET A 136 8.63 19.79 -22.33
N GLY A 137 8.99 20.60 -23.33
CA GLY A 137 10.27 21.31 -23.33
C GLY A 137 10.45 22.21 -22.11
N LEU A 138 9.35 22.83 -21.64
CA LEU A 138 9.40 23.67 -20.45
C LEU A 138 9.74 22.78 -19.23
N LEU A 139 9.15 21.59 -19.16
CA LEU A 139 9.44 20.66 -18.04
C LEU A 139 10.91 20.22 -18.08
N GLN A 140 11.46 19.97 -19.28
CA GLN A 140 12.87 19.59 -19.40
C GLN A 140 13.78 20.73 -18.95
N GLN A 141 13.40 21.98 -19.26
CA GLN A 141 14.15 23.16 -18.83
C GLN A 141 14.06 23.29 -17.28
N LEU A 142 12.86 23.17 -16.68
CA LEU A 142 12.71 23.24 -15.22
C LEU A 142 13.54 22.16 -14.52
N GLU A 143 13.58 20.96 -15.09
CA GLU A 143 14.34 19.85 -14.52
C GLU A 143 15.84 20.10 -14.57
N ALA A 144 16.34 20.61 -15.71
CA ALA A 144 17.76 20.88 -15.86
C ALA A 144 18.25 22.07 -15.06
N ASP A 145 17.41 23.13 -14.92
CA ASP A 145 17.83 24.33 -14.22
C ASP A 145 17.56 24.32 -12.74
N ILE A 146 16.39 23.79 -12.33
CA ILE A 146 16.02 23.79 -10.92
C ILE A 146 16.02 22.38 -10.32
N GLY A 147 15.32 21.46 -10.98
CA GLY A 147 15.17 20.10 -10.49
C GLY A 147 13.75 19.89 -10.01
N ILE A 148 13.02 18.97 -10.67
CA ILE A 148 11.63 18.70 -10.29
C ILE A 148 11.64 17.57 -9.28
N THR A 149 11.13 17.82 -8.04
CA THR A 149 11.10 16.83 -6.98
C THR A 149 10.18 15.67 -7.32
N LEU A 150 9.01 15.98 -7.88
CA LEU A 150 8.06 14.94 -8.29
C LEU A 150 7.05 15.52 -9.25
N ILE A 151 6.35 14.63 -9.93
CA ILE A 151 5.21 15.00 -10.75
C ILE A 151 4.03 14.23 -10.16
N ALA A 152 3.02 14.93 -9.66
CA ALA A 152 1.83 14.29 -9.15
C ALA A 152 0.80 14.22 -10.29
N VAL A 153 0.14 13.08 -10.46
CA VAL A 153 -0.88 12.91 -11.48
C VAL A 153 -2.19 12.60 -10.78
N ASP A 154 -3.01 13.64 -10.53
CA ASP A 154 -4.29 13.43 -9.85
C ASP A 154 -5.35 12.85 -10.79
N GLU A 155 -6.41 12.21 -10.23
CA GLU A 155 -7.48 11.55 -11.00
C GLU A 155 -6.85 10.55 -12.01
N ALA A 156 -5.78 9.85 -11.57
CA ALA A 156 -4.98 8.99 -12.42
C ALA A 156 -5.77 7.88 -13.09
N HIS A 157 -6.89 7.42 -12.49
CA HIS A 157 -7.80 6.43 -13.10
C HIS A 157 -8.30 6.88 -14.49
N CYS A 158 -8.24 8.21 -14.79
CA CYS A 158 -8.66 8.77 -16.07
C CYS A 158 -7.82 8.27 -17.25
N ILE A 159 -6.60 7.78 -17.01
CA ILE A 159 -5.74 7.23 -18.07
C ILE A 159 -6.20 5.79 -18.52
N SER A 160 -7.02 5.12 -17.69
CA SER A 160 -7.49 3.78 -17.94
C SER A 160 -8.70 3.74 -18.85
N GLU A 161 -8.63 2.95 -19.94
CA GLU A 161 -9.78 2.79 -20.82
C GLU A 161 -10.90 1.99 -20.16
N TRP A 162 -10.58 1.13 -19.19
CA TRP A 162 -11.62 0.39 -18.49
C TRP A 162 -12.01 1.01 -17.13
N GLY A 163 -11.67 2.28 -16.93
CA GLY A 163 -12.09 3.04 -15.77
C GLY A 163 -13.44 3.70 -16.05
N HIS A 164 -14.01 4.36 -15.02
CA HIS A 164 -15.32 5.00 -15.18
C HIS A 164 -15.25 6.45 -15.64
N ASP A 165 -14.04 6.96 -15.99
CA ASP A 165 -13.91 8.35 -16.43
C ASP A 165 -12.68 8.53 -17.34
N PHE A 166 -12.62 7.77 -18.45
CA PHE A 166 -11.50 7.86 -19.38
C PHE A 166 -11.44 9.24 -20.05
N ARG A 167 -10.24 9.85 -20.07
CA ARG A 167 -10.01 11.15 -20.67
C ARG A 167 -8.85 11.08 -21.68
N ASP A 168 -9.06 11.56 -22.91
CA ASP A 168 -8.06 11.62 -23.99
C ASP A 168 -6.80 12.39 -23.53
N SER A 169 -7.02 13.47 -22.76
CA SER A 169 -5.94 14.29 -22.23
C SER A 169 -4.94 13.52 -21.35
N PHE A 170 -5.31 12.31 -20.87
CA PHE A 170 -4.45 11.54 -19.98
C PHE A 170 -3.49 10.57 -20.67
N ARG A 171 -3.87 9.98 -21.82
CA ARG A 171 -3.04 9.00 -22.51
C ARG A 171 -1.65 9.55 -22.92
N LYS A 172 -1.58 10.85 -23.16
CA LYS A 172 -0.34 11.50 -23.54
C LYS A 172 0.67 11.61 -22.36
N LEU A 173 0.20 11.44 -21.11
CA LEU A 173 1.11 11.49 -19.94
C LEU A 173 2.09 10.29 -19.87
N GLY A 174 1.95 9.33 -20.77
CA GLY A 174 2.85 8.19 -20.90
C GLY A 174 4.23 8.59 -21.38
N SER A 175 4.39 9.82 -21.93
CA SER A 175 5.70 10.30 -22.36
C SER A 175 6.48 11.04 -21.26
N LEU A 176 5.85 11.27 -20.08
CA LEU A 176 6.48 11.97 -18.96
C LEU A 176 7.73 11.23 -18.50
N LYS A 177 7.63 9.88 -18.36
CA LYS A 177 8.73 9.05 -17.93
C LYS A 177 9.91 9.01 -18.91
N THR A 178 9.65 9.16 -20.22
CA THR A 178 10.71 9.19 -21.20
C THR A 178 11.38 10.57 -21.20
N ALA A 179 10.58 11.63 -21.15
CA ALA A 179 11.09 12.98 -21.18
C ALA A 179 11.82 13.39 -19.92
N LEU A 180 11.44 12.82 -18.77
CA LEU A 180 12.03 13.15 -17.47
C LEU A 180 12.24 11.82 -16.74
N PRO A 181 13.26 11.05 -17.12
CA PRO A 181 13.43 9.72 -16.52
C PRO A 181 13.78 9.67 -15.04
N MET A 182 14.40 10.71 -14.48
CA MET A 182 14.78 10.70 -13.07
C MET A 182 13.70 11.22 -12.13
N VAL A 183 12.64 11.82 -12.66
CA VAL A 183 11.59 12.41 -11.84
C VAL A 183 10.56 11.38 -11.45
N PRO A 184 10.37 11.14 -10.14
CA PRO A 184 9.33 10.20 -9.73
C PRO A 184 7.95 10.76 -10.01
N ILE A 185 7.02 9.85 -10.27
CA ILE A 185 5.63 10.20 -10.49
C ILE A 185 4.80 9.63 -9.37
N VAL A 186 3.93 10.47 -8.80
CA VAL A 186 2.99 10.05 -7.76
C VAL A 186 1.61 10.10 -8.39
N ALA A 187 1.07 8.94 -8.76
CA ALA A 187 -0.25 8.87 -9.36
C ALA A 187 -1.25 8.71 -8.22
N LEU A 188 -2.27 9.55 -8.19
CA LEU A 188 -3.28 9.52 -7.13
C LEU A 188 -4.63 9.23 -7.69
N THR A 189 -5.38 8.41 -6.97
CA THR A 189 -6.76 8.08 -7.32
C THR A 189 -7.55 7.72 -6.08
N ALA A 190 -8.88 7.87 -6.17
CA ALA A 190 -9.77 7.45 -5.10
C ALA A 190 -10.38 6.05 -5.35
N THR A 191 -10.12 5.42 -6.53
CA THR A 191 -10.62 4.06 -6.76
C THR A 191 -9.62 3.03 -6.28
N ALA A 192 -10.08 2.05 -5.49
CA ALA A 192 -9.18 1.00 -5.03
C ALA A 192 -9.14 -0.20 -5.99
N SER A 193 -9.76 -0.10 -7.19
CA SER A 193 -9.78 -1.18 -8.18
C SER A 193 -8.39 -1.68 -8.53
N SER A 194 -8.20 -2.97 -8.36
CA SER A 194 -6.94 -3.65 -8.62
C SER A 194 -6.60 -3.61 -10.12
N SER A 195 -7.60 -3.76 -11.00
CA SER A 195 -7.38 -3.76 -12.44
C SER A 195 -7.07 -2.37 -12.96
N ILE A 196 -7.72 -1.34 -12.39
CA ILE A 196 -7.43 0.04 -12.79
C ILE A 196 -6.00 0.42 -12.34
N ARG A 197 -5.56 -0.07 -11.17
CA ARG A 197 -4.22 0.22 -10.68
C ARG A 197 -3.11 -0.32 -11.60
N GLU A 198 -3.27 -1.55 -12.11
CA GLU A 198 -2.30 -2.11 -13.05
C GLU A 198 -2.27 -1.27 -14.34
N ASP A 199 -3.41 -0.77 -14.81
CA ASP A 199 -3.48 0.11 -15.99
C ASP A 199 -2.84 1.48 -15.74
N ILE A 200 -2.94 2.01 -14.50
CA ILE A 200 -2.32 3.28 -14.17
C ILE A 200 -0.80 3.12 -14.27
N VAL A 201 -0.27 2.06 -13.67
CA VAL A 201 1.16 1.71 -13.67
C VAL A 201 1.70 1.56 -15.09
N ARG A 202 1.00 0.77 -15.92
CA ARG A 202 1.42 0.54 -17.28
C ARG A 202 1.34 1.78 -18.18
N CYS A 203 0.22 2.50 -18.17
CA CYS A 203 0.05 3.68 -19.02
C CYS A 203 0.95 4.85 -18.66
N LEU A 204 1.33 4.96 -17.38
CA LEU A 204 2.24 6.04 -16.96
C LEU A 204 3.72 5.62 -17.03
N ASN A 205 4.03 4.35 -17.38
CA ASN A 205 5.40 3.81 -17.44
C ASN A 205 6.12 3.89 -16.09
N LEU A 206 5.39 3.62 -14.99
CA LEU A 206 5.99 3.64 -13.67
C LEU A 206 6.91 2.44 -13.49
N ARG A 207 8.03 2.66 -12.81
CA ARG A 207 9.01 1.60 -12.59
C ARG A 207 8.99 1.20 -11.14
N ASN A 208 8.70 -0.08 -10.87
CA ASN A 208 8.63 -0.65 -9.51
C ASN A 208 7.90 0.27 -8.52
N PRO A 209 6.67 0.75 -8.86
CA PRO A 209 6.03 1.75 -8.02
C PRO A 209 5.60 1.23 -6.65
N GLN A 210 5.68 2.08 -5.64
CA GLN A 210 5.19 1.73 -4.32
C GLN A 210 3.70 1.97 -4.36
N ILE A 211 2.91 0.93 -4.07
CA ILE A 211 1.47 1.05 -4.07
C ILE A 211 1.02 1.22 -2.60
N THR A 212 0.28 2.28 -2.31
CA THR A 212 -0.38 2.46 -1.01
C THR A 212 -1.89 2.52 -1.26
N CYS A 213 -2.68 1.97 -0.32
CA CYS A 213 -4.11 2.01 -0.45
C CYS A 213 -4.73 2.18 0.93
N THR A 214 -5.39 3.31 1.17
CA THR A 214 -5.89 3.62 2.49
C THR A 214 -7.21 4.40 2.45
N GLY A 215 -7.94 4.41 3.57
CA GLY A 215 -9.20 5.15 3.68
C GLY A 215 -10.46 4.38 3.40
N PHE A 216 -10.36 3.07 3.15
CA PHE A 216 -11.53 2.26 2.82
C PHE A 216 -11.82 1.30 3.92
N ASP A 217 -13.09 1.18 4.30
CA ASP A 217 -13.45 0.13 5.23
C ASP A 217 -13.65 -1.13 4.34
N ARG A 218 -13.37 -2.29 4.91
CA ARG A 218 -13.46 -3.52 4.13
C ARG A 218 -14.30 -4.53 4.87
N PRO A 219 -15.65 -4.36 4.82
CA PRO A 219 -16.54 -5.26 5.56
C PRO A 219 -16.54 -6.70 5.06
N ASN A 220 -15.98 -6.96 3.88
CA ASN A 220 -15.98 -8.30 3.30
C ASN A 220 -14.83 -9.19 3.82
N LEU A 221 -14.01 -8.70 4.76
CA LEU A 221 -12.90 -9.48 5.27
C LEU A 221 -13.20 -9.99 6.67
N TYR A 222 -13.36 -11.31 6.82
CA TYR A 222 -13.66 -11.93 8.11
C TYR A 222 -12.33 -12.26 8.80
N LEU A 223 -12.17 -11.92 10.09
CA LEU A 223 -10.87 -12.14 10.75
C LEU A 223 -10.95 -13.19 11.83
N GLU A 224 -10.00 -14.13 11.85
CA GLU A 224 -10.04 -15.17 12.89
C GLU A 224 -8.66 -15.56 13.36
N VAL A 225 -8.48 -15.76 14.68
CA VAL A 225 -7.21 -16.21 15.24
C VAL A 225 -7.53 -17.50 16.00
N ARG A 226 -6.74 -18.55 15.77
CA ARG A 226 -7.02 -19.85 16.34
C ARG A 226 -5.72 -20.56 16.69
N ARG A 227 -5.76 -21.38 17.74
CA ARG A 227 -4.59 -22.11 18.15
C ARG A 227 -4.30 -23.26 17.22
N LYS A 228 -3.02 -23.48 16.97
CA LYS A 228 -2.47 -24.52 16.15
C LYS A 228 -2.24 -25.78 17.02
N THR A 229 -2.14 -26.93 16.38
CA THR A 229 -1.67 -28.17 17.00
C THR A 229 -0.25 -28.47 16.48
N GLY A 230 0.17 -27.89 15.34
CA GLY A 230 1.47 -28.21 14.76
C GLY A 230 1.38 -29.36 13.76
N ASN A 231 0.34 -30.23 13.89
CA ASN A 231 0.08 -31.32 12.95
C ASN A 231 -0.58 -30.59 11.82
N ILE A 232 0.15 -30.40 10.74
CA ILE A 232 -0.29 -29.59 9.61
C ILE A 232 -1.65 -30.00 9.06
N LEU A 233 -1.83 -31.27 8.70
CA LEU A 233 -3.08 -31.71 8.11
C LEU A 233 -4.27 -31.54 9.06
N GLN A 234 -4.05 -31.78 10.35
CA GLN A 234 -5.12 -31.62 11.34
C GLN A 234 -5.58 -30.16 11.39
N ASP A 235 -4.61 -29.22 11.31
CA ASP A 235 -4.87 -27.79 11.36
C ASP A 235 -5.53 -27.30 10.08
N LEU A 236 -5.14 -27.82 8.91
CA LEU A 236 -5.69 -27.32 7.64
C LEU A 236 -6.95 -28.00 7.15
N GLN A 237 -7.24 -29.23 7.62
CA GLN A 237 -8.43 -29.98 7.22
C GLN A 237 -9.75 -29.15 7.28
N PRO A 238 -10.03 -28.35 8.35
CA PRO A 238 -11.28 -27.57 8.36
C PRO A 238 -11.48 -26.64 7.18
N PHE A 239 -10.41 -26.29 6.47
CA PHE A 239 -10.47 -25.40 5.30
C PHE A 239 -10.66 -26.17 3.99
N LEU A 240 -10.43 -27.50 3.99
CA LEU A 240 -10.41 -28.36 2.83
C LEU A 240 -11.71 -29.03 2.51
N VAL A 241 -11.94 -29.23 1.21
CA VAL A 241 -13.14 -29.84 0.68
C VAL A 241 -12.76 -31.01 -0.22
N LYS A 242 -13.18 -32.23 0.16
CA LYS A 242 -12.92 -33.42 -0.64
C LYS A 242 -13.61 -33.26 -2.02
N THR A 243 -12.87 -33.51 -3.10
CA THR A 243 -13.40 -33.35 -4.46
C THR A 243 -12.92 -34.46 -5.39
N SER A 244 -13.80 -35.44 -5.71
CA SER A 244 -13.49 -36.53 -6.63
C SER A 244 -12.21 -37.32 -6.29
N HIS A 246 -9.07 -36.22 -4.80
CA HIS A 246 -8.23 -35.15 -4.28
C HIS A 246 -9.00 -34.17 -3.36
N TRP A 247 -8.33 -33.14 -2.83
CA TRP A 247 -8.93 -32.15 -1.95
C TRP A 247 -8.59 -30.72 -2.43
N GLU A 248 -9.38 -29.72 -2.01
CA GLU A 248 -9.12 -28.32 -2.39
C GLU A 248 -9.69 -27.29 -1.41
N PHE A 249 -9.28 -26.01 -1.53
CA PHE A 249 -9.80 -24.92 -0.71
C PHE A 249 -11.07 -24.37 -1.38
N GLU A 250 -11.84 -23.51 -0.68
CA GLU A 250 -13.03 -22.91 -1.27
C GLU A 250 -12.70 -22.06 -2.51
N GLY A 251 -11.52 -21.46 -2.54
CA GLY A 251 -11.10 -20.63 -3.65
C GLY A 251 -9.63 -20.28 -3.59
N PRO A 252 -9.18 -19.34 -4.42
CA PRO A 252 -7.75 -18.94 -4.38
C PRO A 252 -7.27 -18.58 -2.97
N THR A 253 -6.18 -19.21 -2.55
CA THR A 253 -5.69 -19.13 -1.18
C THR A 253 -4.20 -18.86 -1.10
N ILE A 254 -3.79 -18.07 -0.11
CA ILE A 254 -2.38 -17.88 0.17
C ILE A 254 -2.14 -18.36 1.60
N ILE A 255 -1.15 -19.22 1.81
CA ILE A 255 -0.76 -19.64 3.14
C ILE A 255 0.60 -19.02 3.42
N TYR A 256 0.65 -18.00 4.28
CA TYR A 256 1.90 -17.34 4.63
C TYR A 256 2.53 -18.06 5.82
N CYS A 257 3.81 -18.46 5.66
CA CYS A 257 4.59 -19.18 6.67
C CYS A 257 5.75 -18.31 7.17
N PRO A 258 6.28 -18.54 8.39
CA PRO A 258 7.37 -17.69 8.89
C PRO A 258 8.77 -18.02 8.37
N SER A 259 8.92 -19.14 7.66
CA SER A 259 10.21 -19.59 7.21
C SER A 259 10.07 -20.43 5.93
N ARG A 260 11.20 -20.67 5.23
CA ARG A 260 11.26 -21.50 4.02
C ARG A 260 10.98 -22.95 4.34
N LYS A 261 11.46 -23.43 5.51
CA LYS A 261 11.25 -24.82 5.89
C LYS A 261 9.77 -25.08 6.09
N MET A 262 9.08 -24.18 6.79
CA MET A 262 7.62 -24.34 6.99
C MET A 262 6.88 -24.34 5.66
N THR A 263 7.29 -23.50 4.65
CA THR A 263 6.61 -23.54 3.35
C THR A 263 6.78 -24.92 2.71
N GLN A 264 7.97 -25.54 2.84
CA GLN A 264 8.22 -26.88 2.30
C GLN A 264 7.39 -27.93 3.02
N GLN A 265 7.32 -27.87 4.36
CA GLN A 265 6.55 -28.87 5.12
C GLN A 265 5.04 -28.75 4.81
N VAL A 266 4.51 -27.52 4.77
CA VAL A 266 3.08 -27.31 4.48
C VAL A 266 2.77 -27.77 3.05
N THR A 267 3.62 -27.41 2.09
CA THR A 267 3.42 -27.83 0.69
C THR A 267 3.46 -29.36 0.57
N GLY A 268 4.37 -29.99 1.31
CA GLY A 268 4.51 -31.45 1.33
C GLY A 268 3.23 -32.15 1.75
N GLU A 269 2.54 -31.65 2.80
CA GLU A 269 1.27 -32.24 3.25
C GLU A 269 0.11 -32.05 2.25
N LEU A 270 -0.01 -30.87 1.65
CA LEU A 270 -1.08 -30.63 0.67
C LEU A 270 -0.82 -31.37 -0.66
N ALA A 271 0.47 -31.59 -1.01
CA ALA A 271 0.80 -32.36 -2.22
C ALA A 271 0.35 -33.82 -2.05
N LYS A 272 0.39 -34.37 -0.81
CA LYS A 272 -0.14 -35.72 -0.56
C LYS A 272 -1.63 -35.81 -0.93
N LEU A 273 -2.36 -34.67 -0.92
CA LEU A 273 -3.79 -34.65 -1.22
C LEU A 273 -4.11 -34.35 -2.68
N ASN A 274 -3.09 -34.12 -3.54
CA ASN A 274 -3.25 -33.71 -4.94
C ASN A 274 -3.98 -32.37 -5.07
N LEU A 275 -3.73 -31.48 -4.11
CA LEU A 275 -4.28 -30.13 -4.10
C LEU A 275 -3.47 -29.30 -5.10
N SER A 276 -4.14 -28.44 -5.86
CA SER A 276 -3.48 -27.57 -6.83
C SER A 276 -2.69 -26.49 -6.06
N CYS A 277 -1.39 -26.72 -5.83
CA CYS A 277 -0.59 -25.79 -5.03
C CYS A 277 0.85 -25.62 -5.48
N GLY A 278 1.51 -24.55 -5.02
CA GLY A 278 2.90 -24.24 -5.33
C GLY A 278 3.58 -23.49 -4.19
N THR A 279 4.91 -23.65 -4.04
CA THR A 279 5.66 -22.97 -2.99
C THR A 279 6.33 -21.72 -3.52
N TYR A 280 6.47 -20.69 -2.68
CA TYR A 280 7.19 -19.50 -3.07
C TYR A 280 8.00 -18.98 -1.92
N HIS A 281 9.31 -18.92 -2.10
CA HIS A 281 10.20 -18.31 -1.10
C HIS A 281 11.42 -17.72 -1.81
N ALA A 282 12.19 -16.90 -1.11
CA ALA A 282 13.35 -16.21 -1.69
C ALA A 282 14.60 -17.07 -1.88
N GLY A 283 14.48 -18.37 -1.69
CA GLY A 283 15.54 -19.35 -1.88
C GLY A 283 15.40 -20.11 -3.19
N MET A 284 14.27 -19.97 -3.88
CA MET A 284 14.05 -20.61 -5.16
C MET A 284 14.73 -19.84 -6.27
N SER A 285 14.97 -20.51 -7.41
CA SER A 285 15.56 -19.86 -8.56
C SER A 285 14.57 -18.85 -9.15
N PHE A 286 15.06 -17.89 -9.92
CA PHE A 286 14.22 -16.87 -10.51
C PHE A 286 13.16 -17.45 -11.44
N SER A 287 13.51 -18.51 -12.20
CA SER A 287 12.58 -19.12 -13.14
C SER A 287 11.45 -19.88 -12.42
N THR A 288 11.75 -20.59 -11.32
CA THR A 288 10.69 -21.32 -10.62
C THR A 288 9.80 -20.34 -9.85
N ALA A 289 10.35 -19.21 -9.36
CA ALA A 289 9.54 -18.19 -8.69
C ALA A 289 8.57 -17.55 -9.72
N LYS A 290 9.07 -17.25 -10.92
CA LYS A 290 8.22 -16.64 -11.96
C LYS A 290 7.09 -17.60 -12.36
N ASP A 291 7.40 -18.90 -12.45
CA ASP A 291 6.46 -19.96 -12.77
C ASP A 291 5.30 -20.01 -11.75
N ILE A 292 5.62 -20.01 -10.44
CA ILE A 292 4.59 -20.04 -9.38
C ILE A 292 3.73 -18.80 -9.43
N HIS A 293 4.35 -17.63 -9.59
CA HIS A 293 3.61 -16.36 -9.68
C HIS A 293 2.64 -16.40 -10.86
N HIS A 294 3.13 -16.78 -12.04
CA HIS A 294 2.31 -16.84 -13.24
C HIS A 294 1.20 -17.86 -13.13
N ARG A 295 1.50 -19.05 -12.61
CA ARG A 295 0.47 -20.09 -12.47
C ARG A 295 -0.64 -19.67 -11.53
N PHE A 296 -0.33 -18.91 -10.48
CA PHE A 296 -1.35 -18.46 -9.52
C PHE A 296 -2.27 -17.39 -10.11
N VAL A 297 -1.73 -16.41 -10.86
CA VAL A 297 -2.58 -15.37 -11.47
C VAL A 297 -3.36 -15.91 -12.66
N ARG A 298 -2.84 -16.93 -13.35
CA ARG A 298 -3.57 -17.58 -14.44
C ARG A 298 -4.53 -18.68 -13.93
N ASP A 299 -4.66 -18.85 -12.60
CA ASP A 299 -5.50 -19.83 -11.94
C ASP A 299 -5.18 -21.29 -12.36
N GLU A 300 -3.92 -21.56 -12.72
CA GLU A 300 -3.47 -22.92 -12.96
C GLU A 300 -3.12 -23.61 -11.62
N ILE A 301 -2.88 -22.84 -10.53
CA ILE A 301 -2.74 -23.33 -9.17
C ILE A 301 -3.74 -22.55 -8.30
N GLN A 302 -4.32 -23.23 -7.33
CA GLN A 302 -5.32 -22.63 -6.45
C GLN A 302 -4.70 -22.01 -5.20
N CYS A 303 -3.59 -22.58 -4.72
CA CYS A 303 -3.01 -22.15 -3.47
C CYS A 303 -1.48 -21.94 -3.53
N VAL A 304 -1.00 -20.80 -3.02
CA VAL A 304 0.42 -20.55 -2.94
C VAL A 304 0.80 -20.63 -1.45
N ILE A 305 1.81 -21.45 -1.12
CA ILE A 305 2.34 -21.60 0.24
C ILE A 305 3.64 -20.82 0.20
N ALA A 306 3.68 -19.70 0.90
CA ALA A 306 4.75 -18.74 0.73
C ALA A 306 5.30 -18.13 2.00
N THR A 307 6.48 -17.48 1.92
CA THR A 307 7.01 -16.64 2.98
C THR A 307 6.52 -15.19 2.63
N ILE A 308 6.90 -14.20 3.45
CA ILE A 308 6.65 -12.78 3.20
C ILE A 308 7.14 -12.33 1.80
N ALA A 309 8.05 -13.09 1.14
CA ALA A 309 8.56 -12.72 -0.19
C ALA A 309 7.46 -12.68 -1.27
N PHE A 310 6.35 -13.41 -1.08
CA PHE A 310 5.29 -13.45 -2.08
C PHE A 310 4.20 -12.46 -1.77
N GLY A 311 3.64 -11.82 -2.80
CA GLY A 311 2.52 -10.91 -2.60
C GLY A 311 2.57 -9.57 -3.30
N MET A 312 3.67 -8.80 -3.15
CA MET A 312 3.75 -7.48 -3.79
C MET A 312 3.71 -7.59 -5.29
N GLY A 313 2.90 -6.76 -5.94
CA GLY A 313 2.80 -6.78 -7.38
C GLY A 313 1.83 -7.81 -7.93
N ILE A 314 1.14 -8.55 -7.04
CA ILE A 314 0.17 -9.55 -7.46
C ILE A 314 -1.14 -8.84 -7.79
N ASN A 315 -1.55 -8.90 -9.05
CA ASN A 315 -2.80 -8.29 -9.49
C ASN A 315 -3.82 -9.41 -9.46
N LYS A 316 -4.42 -9.66 -8.29
CA LYS A 316 -5.39 -10.74 -8.16
C LYS A 316 -6.49 -10.30 -7.21
N ALA A 317 -7.68 -10.13 -7.74
CA ALA A 317 -8.81 -9.61 -6.98
C ALA A 317 -9.65 -10.65 -6.25
N ASP A 318 -9.47 -11.93 -6.57
CA ASP A 318 -10.34 -12.97 -6.05
C ASP A 318 -9.68 -13.95 -5.07
N ILE A 319 -8.82 -13.43 -4.18
CA ILE A 319 -8.22 -14.25 -3.14
C ILE A 319 -9.27 -14.40 -2.06
N ARG A 320 -9.77 -15.62 -1.88
CA ARG A 320 -10.84 -15.94 -0.93
C ARG A 320 -10.34 -16.23 0.47
N GLN A 321 -9.08 -16.71 0.58
CA GLN A 321 -8.58 -17.08 1.89
C GLN A 321 -7.12 -16.74 2.08
N VAL A 322 -6.81 -16.09 3.21
CA VAL A 322 -5.43 -15.89 3.60
C VAL A 322 -5.26 -16.67 4.91
N ILE A 323 -4.26 -17.54 5.00
CA ILE A 323 -4.01 -18.29 6.22
C ILE A 323 -2.58 -17.99 6.68
N HIS A 324 -2.39 -17.52 7.90
CA HIS A 324 -1.04 -17.30 8.41
C HIS A 324 -0.75 -18.54 9.25
N TYR A 325 0.03 -19.47 8.68
CA TYR A 325 0.35 -20.71 9.37
C TYR A 325 1.61 -20.47 10.22
N GLY A 326 1.35 -20.06 11.45
CA GLY A 326 2.36 -19.66 12.41
C GLY A 326 2.13 -18.20 12.77
N ALA A 327 2.40 -17.82 14.03
CA ALA A 327 2.22 -16.42 14.47
C ALA A 327 3.02 -15.46 13.60
N PRO A 328 2.39 -14.47 12.96
CA PRO A 328 3.16 -13.48 12.18
C PRO A 328 4.15 -12.74 13.11
N LYS A 329 5.28 -12.30 12.54
CA LYS A 329 6.30 -11.61 13.31
C LYS A 329 6.10 -10.11 13.42
N ASP A 330 5.35 -9.52 12.51
CA ASP A 330 5.26 -8.07 12.36
C ASP A 330 3.83 -7.63 12.04
N MET A 331 3.24 -6.77 12.88
CA MET A 331 1.86 -6.30 12.70
C MET A 331 1.61 -5.56 11.34
N GLU A 332 2.56 -4.73 10.93
CA GLU A 332 2.46 -4.00 9.67
C GLU A 332 2.52 -4.95 8.45
N SER A 333 3.39 -5.98 8.46
CA SER A 333 3.48 -6.98 7.38
C SER A 333 2.18 -7.78 7.31
N TYR A 334 1.64 -8.17 8.46
CA TYR A 334 0.37 -8.88 8.57
C TYR A 334 -0.77 -8.07 7.90
N TYR A 335 -0.79 -6.77 8.16
CA TYR A 335 -1.78 -5.87 7.58
C TYR A 335 -1.67 -5.82 6.05
N GLN A 336 -0.44 -5.71 5.49
CA GLN A 336 -0.22 -5.69 4.03
C GLN A 336 -0.70 -7.02 3.39
N GLU A 337 -0.39 -8.14 4.04
CA GLU A 337 -0.77 -9.49 3.60
C GLU A 337 -2.28 -9.71 3.58
N ILE A 338 -3.00 -9.44 4.70
CA ILE A 338 -4.48 -9.63 4.73
C ILE A 338 -5.18 -8.64 3.76
N GLY A 339 -4.58 -7.46 3.53
CA GLY A 339 -5.09 -6.46 2.59
C GLY A 339 -5.13 -6.98 1.15
N ARG A 340 -4.38 -8.08 0.86
CA ARG A 340 -4.39 -8.70 -0.48
C ARG A 340 -5.65 -9.58 -0.70
N ALA A 341 -6.38 -9.91 0.37
CA ALA A 341 -7.58 -10.73 0.22
C ALA A 341 -8.80 -9.91 -0.29
N GLY A 342 -9.69 -10.60 -0.98
CA GLY A 342 -10.98 -10.09 -1.45
C GLY A 342 -11.01 -8.67 -2.03
N ARG A 343 -10.04 -8.34 -2.91
CA ARG A 343 -9.98 -7.02 -3.54
C ARG A 343 -11.15 -6.80 -4.54
N ASP A 344 -11.91 -7.87 -4.85
CA ASP A 344 -13.14 -7.82 -5.65
C ASP A 344 -14.38 -7.42 -4.78
N GLY A 345 -14.20 -7.23 -3.46
CA GLY A 345 -15.31 -6.85 -2.59
C GLY A 345 -16.20 -8.01 -2.14
N LEU A 346 -15.94 -9.23 -2.61
CA LEU A 346 -16.73 -10.40 -2.22
C LEU A 346 -16.18 -11.00 -0.90
N GLN A 347 -17.00 -11.83 -0.22
CA GLN A 347 -16.61 -12.38 1.08
C GLN A 347 -15.26 -13.14 1.04
N SER A 348 -14.37 -12.81 1.97
CA SER A 348 -13.08 -13.51 2.09
C SER A 348 -12.81 -13.73 3.58
N SER A 349 -11.84 -14.58 3.88
CA SER A 349 -11.49 -14.85 5.27
C SER A 349 -9.99 -14.77 5.48
N CYS A 350 -9.55 -14.27 6.64
CA CYS A 350 -8.13 -14.21 6.96
C CYS A 350 -7.97 -14.88 8.32
N HIS A 351 -7.30 -16.04 8.36
CA HIS A 351 -7.12 -16.82 9.59
C HIS A 351 -5.69 -16.87 10.01
N VAL A 352 -5.40 -16.70 11.28
CA VAL A 352 -4.03 -16.93 11.81
C VAL A 352 -4.13 -18.21 12.64
N LEU A 353 -3.24 -19.18 12.41
CA LEU A 353 -3.16 -20.37 13.24
C LEU A 353 -1.82 -20.23 13.97
N TRP A 354 -1.83 -20.10 15.30
CA TRP A 354 -0.60 -19.85 16.04
C TRP A 354 -0.42 -20.75 17.27
N ALA A 355 0.81 -20.82 17.77
CA ALA A 355 1.12 -21.56 19.01
C ALA A 355 2.17 -20.74 19.79
N PRO A 356 2.19 -20.84 21.14
CA PRO A 356 3.20 -20.08 21.91
C PRO A 356 4.63 -20.31 21.41
N ALA A 357 4.98 -21.55 20.96
CA ALA A 357 6.32 -21.82 20.44
C ALA A 357 6.69 -20.92 19.23
N ASP A 358 5.70 -20.50 18.41
CA ASP A 358 6.00 -19.61 17.26
C ASP A 358 6.49 -18.27 17.79
N ILE A 359 5.86 -17.75 18.83
CA ILE A 359 6.25 -16.48 19.42
C ILE A 359 7.67 -16.57 20.01
N ASN A 360 8.01 -17.69 20.68
CA ASN A 360 9.36 -17.87 21.24
C ASN A 360 10.40 -17.83 20.16
N LEU A 361 10.15 -18.52 19.05
CA LEU A 361 11.08 -18.55 17.94
C LEU A 361 11.17 -17.17 17.25
N ASN A 362 10.03 -16.49 17.03
CA ASN A 362 10.03 -15.16 16.43
C ASN A 362 10.90 -14.19 17.25
N ARG A 363 10.75 -14.25 18.60
CA ARG A 363 11.51 -13.39 19.50
CA ARG A 363 11.51 -13.40 19.52
C ARG A 363 13.01 -13.66 19.42
N HIS A 364 13.41 -14.94 19.28
CA HIS A 364 14.82 -15.32 19.16
C HIS A 364 15.45 -14.73 17.87
N LEU A 365 14.74 -14.83 16.75
CA LEU A 365 15.22 -14.33 15.46
C LEU A 365 15.37 -12.81 15.43
N LEU A 366 14.58 -12.11 16.22
CA LEU A 366 14.63 -10.66 16.37
C LEU A 366 16.00 -10.21 16.91
N THR A 367 16.64 -11.05 17.77
CA THR A 367 17.99 -10.77 18.26
C THR A 367 19.06 -10.84 17.14
N GLU A 368 18.72 -11.39 15.96
CA GLU A 368 19.65 -11.47 14.85
C GLU A 368 19.73 -10.20 14.00
N ILE A 369 18.82 -9.22 14.21
CA ILE A 369 18.85 -7.96 13.47
C ILE A 369 19.97 -7.11 14.06
N ARG A 370 21.02 -6.83 13.26
CA ARG A 370 22.17 -6.09 13.78
C ARG A 370 21.93 -4.58 13.93
N ASN A 371 21.16 -3.97 13.02
CA ASN A 371 20.87 -2.55 13.13
C ASN A 371 19.95 -2.33 14.31
N ALA A 372 20.42 -1.62 15.34
CA ALA A 372 19.68 -1.40 16.58
C ALA A 372 18.36 -0.64 16.37
N LYS A 373 18.37 0.40 15.54
CA LYS A 373 17.15 1.18 15.30
C LYS A 373 16.10 0.30 14.59
N PHE A 374 16.50 -0.52 13.63
CA PHE A 374 15.57 -1.38 12.92
C PHE A 374 15.09 -2.52 13.80
N ARG A 375 15.97 -3.04 14.70
CA ARG A 375 15.57 -4.11 15.62
C ARG A 375 14.45 -3.62 16.56
N LEU A 376 14.58 -2.39 17.12
CA LEU A 376 13.54 -1.81 18.00
C LEU A 376 12.23 -1.57 17.25
N TYR A 377 12.31 -1.07 16.00
CA TYR A 377 11.11 -0.93 15.15
C TYR A 377 10.43 -2.33 14.98
N LYS A 378 11.21 -3.38 14.63
CA LYS A 378 10.66 -4.73 14.43
C LYS A 378 10.14 -5.34 15.74
N LEU A 379 10.76 -4.97 16.88
CA LEU A 379 10.32 -5.45 18.18
C LEU A 379 8.94 -4.90 18.47
N LYS A 380 8.73 -3.61 18.21
CA LYS A 380 7.45 -2.94 18.43
C LYS A 380 6.38 -3.51 17.49
N MET A 381 6.73 -3.85 16.22
CA MET A 381 5.76 -4.48 15.33
C MET A 381 5.40 -5.88 15.84
N MET A 382 6.39 -6.60 16.44
CA MET A 382 6.15 -7.93 17.00
C MET A 382 5.26 -7.89 18.26
N ALA A 383 5.53 -6.95 19.17
CA ALA A 383 4.73 -6.79 20.39
C ALA A 383 3.26 -6.47 20.07
N LYS A 384 3.01 -5.65 19.03
CA LYS A 384 1.65 -5.33 18.63
C LYS A 384 0.96 -6.57 18.06
N MET A 385 1.67 -7.36 17.25
CA MET A 385 1.15 -8.62 16.69
C MET A 385 0.80 -9.59 17.84
N GLU A 386 1.68 -9.72 18.84
CA GLU A 386 1.43 -10.60 19.98
C GLU A 386 0.22 -10.19 20.78
N LYS A 387 0.04 -8.88 21.01
CA LYS A 387 -1.11 -8.34 21.75
C LYS A 387 -2.40 -8.67 20.97
N TYR A 388 -2.36 -8.53 19.64
CA TYR A 388 -3.51 -8.83 18.77
C TYR A 388 -3.86 -10.29 18.88
N LEU A 389 -2.86 -11.18 18.83
CA LEU A 389 -3.10 -12.62 18.91
C LEU A 389 -3.74 -13.03 20.22
N HIS A 390 -3.25 -12.48 21.35
CA HIS A 390 -3.76 -12.83 22.69
C HIS A 390 -5.06 -12.13 23.06
N SER A 391 -5.50 -11.15 22.27
CA SER A 391 -6.64 -10.33 22.61
C SER A 391 -8.00 -11.02 22.58
N SER A 392 -8.85 -10.59 23.52
CA SER A 392 -10.27 -10.93 23.62
C SER A 392 -11.14 -9.86 22.92
N ARG A 393 -10.57 -8.69 22.55
CA ARG A 393 -11.32 -7.60 21.92
C ARG A 393 -11.54 -7.83 20.43
N CYS A 394 -12.42 -7.04 19.79
CA CYS A 394 -12.70 -7.14 18.36
C CYS A 394 -11.37 -7.02 17.54
N ARG A 395 -11.09 -7.98 16.64
CA ARG A 395 -9.86 -7.98 15.85
C ARG A 395 -9.83 -6.78 14.88
N ARG A 396 -10.98 -6.46 14.28
CA ARG A 396 -11.09 -5.39 13.31
C ARG A 396 -10.82 -4.05 14.00
N GLN A 397 -11.37 -3.85 15.21
CA GLN A 397 -11.15 -2.64 16.00
C GLN A 397 -9.65 -2.41 16.23
N ILE A 398 -8.93 -3.48 16.57
CA ILE A 398 -7.48 -3.38 16.79
C ILE A 398 -6.75 -2.99 15.53
N ILE A 399 -7.00 -3.70 14.41
CA ILE A 399 -6.34 -3.42 13.15
C ILE A 399 -6.58 -1.98 12.68
N LEU A 400 -7.86 -1.55 12.65
CA LEU A 400 -8.18 -0.18 12.20
C LEU A 400 -7.58 0.88 13.10
N SER A 401 -7.57 0.64 14.42
CA SER A 401 -6.97 1.58 15.35
C SER A 401 -5.47 1.80 15.05
N HIS A 402 -4.75 0.75 14.63
CA HIS A 402 -3.34 0.89 14.26
C HIS A 402 -3.15 1.57 12.89
N PHE A 403 -3.96 1.20 11.87
CA PHE A 403 -3.67 1.59 10.50
C PHE A 403 -4.58 2.53 9.77
N GLU A 404 -5.84 2.67 10.19
CA GLU A 404 -6.78 3.50 9.45
C GLU A 404 -7.22 4.75 10.20
N ASP A 405 -7.83 5.70 9.48
CA ASP A 405 -8.25 6.96 10.08
C ASP A 405 -9.57 6.84 10.86
N LYS A 406 -9.93 7.90 11.60
CA LYS A 406 -11.12 7.90 12.40
C LYS A 406 -12.39 7.69 11.59
N GLN A 407 -12.43 8.09 10.31
CA GLN A 407 -13.63 7.89 9.48
C GLN A 407 -13.80 6.44 9.08
N VAL A 408 -12.69 5.72 8.82
CA VAL A 408 -12.78 4.28 8.52
C VAL A 408 -13.21 3.55 9.79
N GLN A 409 -12.63 3.92 10.96
CA GLN A 409 -12.99 3.34 12.25
C GLN A 409 -14.49 3.53 12.52
N LYS A 410 -14.99 4.78 12.31
CA LYS A 410 -16.39 5.11 12.50
C LYS A 410 -17.26 4.34 11.51
N ALA A 411 -16.82 4.20 10.25
CA ALA A 411 -17.55 3.46 9.21
C ALA A 411 -17.62 1.97 9.47
N SER A 412 -16.64 1.42 10.20
CA SER A 412 -16.57 -0.01 10.51
CA SER A 412 -16.62 -0.02 10.46
C SER A 412 -17.48 -0.43 11.65
N LEU A 413 -18.06 0.54 12.38
CA LEU A 413 -18.94 0.27 13.51
C LEU A 413 -20.19 -0.53 13.10
N GLY A 414 -20.53 -0.53 11.81
CA GLY A 414 -21.65 -1.29 11.28
C GLY A 414 -21.42 -2.78 11.34
N ILE A 415 -20.21 -3.23 10.98
CA ILE A 415 -19.88 -4.65 11.01
C ILE A 415 -19.41 -5.09 12.39
N MET A 416 -18.64 -4.24 13.11
CA MET A 416 -18.14 -4.59 14.44
CA MET A 416 -18.15 -4.55 14.46
C MET A 416 -19.28 -4.99 15.39
N GLY A 417 -19.08 -6.09 16.09
CA GLY A 417 -20.10 -6.60 17.01
C GLY A 417 -20.97 -7.68 16.39
N THR A 418 -20.96 -7.82 15.06
CA THR A 418 -21.78 -8.80 14.36
C THR A 418 -21.02 -10.10 14.02
N GLU A 419 -21.76 -11.15 13.66
CA GLU A 419 -21.29 -12.48 13.27
C GLU A 419 -20.31 -12.49 12.07
N LYS A 420 -20.34 -11.46 11.20
CA LYS A 420 -19.41 -11.42 10.06
C LYS A 420 -18.14 -10.58 10.31
N CYS A 421 -18.02 -9.98 11.51
CA CYS A 421 -16.85 -9.16 11.81
C CYS A 421 -15.57 -10.00 12.05
N CYS A 422 -15.47 -10.66 13.21
CA CYS A 422 -14.29 -11.40 13.59
C CYS A 422 -14.69 -12.53 14.56
N ASP A 423 -13.73 -13.40 14.90
CA ASP A 423 -14.01 -14.51 15.82
C ASP A 423 -14.36 -14.04 17.24
N ASN A 424 -13.81 -12.90 17.69
CA ASN A 424 -14.10 -12.40 19.04
C ASN A 424 -15.52 -11.78 19.13
N CYS A 425 -15.98 -11.13 18.07
CA CYS A 425 -17.37 -10.63 18.02
C CYS A 425 -18.36 -11.80 17.96
N ARG A 426 -18.00 -12.87 17.25
CA ARG A 426 -18.86 -14.06 17.16
C ARG A 426 -19.00 -14.74 18.53
N SER A 427 -17.87 -14.91 19.26
CA SER A 427 -17.86 -15.49 20.60
C SER A 427 -18.57 -14.61 21.62
N ALA A 428 -18.43 -13.28 21.51
CA ALA A 428 -19.11 -12.36 22.45
C ALA A 428 -20.62 -12.40 22.23
N LEU A 429 -21.04 -12.59 20.98
CA LEU A 429 -22.44 -12.68 20.62
C LEU A 429 -23.15 -13.80 21.40
N ASP A 430 -22.68 -15.05 21.31
CA ASP A 430 -23.32 -16.14 22.03
C ASP A 430 -22.36 -17.21 22.58
#